data_6IRC
#
_entry.id   6IRC
#
_cell.length_a   119.209
_cell.length_b   119.209
_cell.length_c   116.059
_cell.angle_alpha   90.000
_cell.angle_beta   90.000
_cell.angle_gamma   120.000
#
_symmetry.space_group_name_H-M   'P 61 2 2'
#
_entity_poly.entity_id   1
_entity_poly.type   'polypeptide(L)'
_entity_poly.pdbx_seq_one_letter_code
;EPPLVFEPVTLESLRQEKGFQKVGKKQIKELDTLRKKHAKERTSVQKTQNAAIDKLIKGKSKDDIRNDANIKNSINDQTK
QWTDMIARHRKEEWDMLRQHVQDSQDAMKALMLTVQAAQIKQLEDRHARDIKDLNAKQAKMSADTAKEVQNDKTLKTKNE
KDRRLRE(MLY)RQNNVKRFMEEKKQIGV(MLY)QGRAMEKL(MLY)LAHSKQIEEFSTDVQKLMDMYKIEEEAYKTQGK
TEFYA
;
_entity_poly.pdbx_strand_id   A
#
# COMPACT_ATOMS: atom_id res chain seq x y z
N PRO A 3 -11.94 1.81 2.70
CA PRO A 3 -12.73 1.92 3.92
C PRO A 3 -12.68 0.67 4.82
N LEU A 4 -11.63 -0.15 4.64
CA LEU A 4 -11.57 -1.48 5.23
C LEU A 4 -10.54 -1.52 6.35
N VAL A 5 -10.93 -2.18 7.44
CA VAL A 5 -10.30 -1.98 8.75
C VAL A 5 -9.04 -2.82 8.95
N PHE A 6 -8.96 -4.02 8.36
CA PHE A 6 -7.78 -4.87 8.49
C PHE A 6 -7.32 -5.26 7.09
N GLU A 7 -6.73 -4.32 6.40
CA GLU A 7 -6.30 -4.61 5.05
C GLU A 7 -4.80 -4.64 5.05
N PRO A 8 -4.17 -5.66 4.48
CA PRO A 8 -2.72 -5.69 4.47
C PRO A 8 -2.20 -4.54 3.64
N VAL A 9 -1.29 -3.76 4.22
CA VAL A 9 -0.69 -2.65 3.48
C VAL A 9 0.69 -3.08 2.94
N THR A 10 0.67 -3.89 1.89
CA THR A 10 1.87 -4.35 1.22
C THR A 10 2.41 -3.30 0.25
N LEU A 11 3.63 -3.53 -0.21
CA LEU A 11 4.23 -2.63 -1.18
C LEU A 11 3.41 -2.55 -2.46
N GLU A 12 2.94 -3.69 -2.94
CA GLU A 12 2.12 -3.66 -4.14
C GLU A 12 0.83 -2.85 -3.91
N SER A 13 0.20 -3.03 -2.75
CA SER A 13 -0.99 -2.26 -2.40
C SER A 13 -0.70 -0.78 -2.35
N LEU A 14 0.46 -0.42 -1.79
CA LEU A 14 0.85 0.98 -1.72
C LEU A 14 0.92 1.59 -3.10
N ARG A 15 1.40 0.83 -4.09
CA ARG A 15 1.50 1.33 -5.45
C ARG A 15 0.13 1.69 -6.03
N GLN A 16 -0.89 0.89 -5.73
CA GLN A 16 -2.22 1.13 -6.30
C GLN A 16 -2.95 2.32 -5.71
N GLU A 17 -2.55 2.79 -4.54
CA GLU A 17 -3.28 3.88 -3.89
C GLU A 17 -3.26 5.09 -4.81
N LYS A 18 -4.42 5.73 -4.95
CA LYS A 18 -4.54 6.87 -5.85
C LYS A 18 -3.38 7.84 -5.65
N GLY A 19 -3.11 8.20 -4.39
CA GLY A 19 -2.11 9.19 -4.07
C GLY A 19 -0.74 8.99 -4.70
N PHE A 20 -0.42 7.76 -5.09
CA PHE A 20 0.88 7.48 -5.70
C PHE A 20 0.78 7.42 -7.22
N GLN A 21 -0.42 7.57 -7.77
CA GLN A 21 -0.58 7.51 -9.21
C GLN A 21 0.19 8.64 -9.88
N LYS A 22 0.18 9.83 -9.28
CA LYS A 22 0.84 10.97 -9.92
C LYS A 22 2.33 10.71 -10.08
N VAL A 23 3.00 10.29 -9.00
CA VAL A 23 4.43 10.01 -9.10
C VAL A 23 4.67 8.82 -10.01
N GLY A 24 3.84 7.79 -9.90
CA GLY A 24 4.02 6.62 -10.74
C GLY A 24 3.92 6.97 -12.20
N LYS A 25 2.95 7.82 -12.55
CA LYS A 25 2.76 8.23 -13.94
C LYS A 25 3.98 8.99 -14.43
N LYS A 26 4.51 9.88 -13.60
CA LYS A 26 5.68 10.65 -14.01
C LYS A 26 6.87 9.73 -14.28
N GLN A 27 7.11 8.78 -13.36
CA GLN A 27 8.23 7.85 -13.54
C GLN A 27 8.12 7.00 -14.80
N ILE A 28 6.91 6.63 -15.23
CA ILE A 28 6.81 5.80 -16.43
C ILE A 28 7.24 6.59 -17.66
N LYS A 29 6.86 7.88 -17.72
CA LYS A 29 7.28 8.70 -18.86
C LYS A 29 8.79 8.87 -18.85
N GLU A 30 9.32 9.49 -17.78
CA GLU A 30 10.75 9.78 -17.66
C GLU A 30 11.59 8.66 -18.26
N LEU A 31 11.24 7.43 -17.92
CA LEU A 31 11.86 6.26 -18.49
C LEU A 31 11.51 6.06 -19.97
N ASP A 32 10.27 6.28 -20.37
CA ASP A 32 9.93 6.02 -21.76
C ASP A 32 10.70 6.95 -22.69
N THR A 33 10.89 8.21 -22.26
CA THR A 33 11.63 9.14 -23.08
C THR A 33 13.05 8.63 -23.28
N LEU A 34 13.66 8.12 -22.21
CA LEU A 34 15.01 7.59 -22.34
C LEU A 34 15.07 6.44 -23.32
N ARG A 35 14.06 5.56 -23.31
CA ARG A 35 14.03 4.46 -24.26
C ARG A 35 14.03 5.01 -25.67
N LYS A 36 13.30 6.12 -25.87
CA LYS A 36 13.34 6.87 -27.12
C LYS A 36 14.73 7.44 -27.36
N LYS A 37 15.36 7.98 -26.31
CA LYS A 37 16.71 8.50 -26.48
C LYS A 37 17.65 7.37 -26.89
N HIS A 38 17.47 6.21 -26.28
CA HIS A 38 18.28 5.05 -26.66
C HIS A 38 18.10 4.77 -28.15
N ALA A 39 16.86 4.79 -28.61
CA ALA A 39 16.56 4.46 -30.00
C ALA A 39 17.24 5.42 -30.98
N LYS A 40 17.26 6.71 -30.65
CA LYS A 40 17.95 7.68 -31.50
C LYS A 40 19.44 7.40 -31.50
N GLU A 41 20.03 7.23 -30.31
CA GLU A 41 21.45 6.94 -30.18
C GLU A 41 21.87 5.74 -31.02
N ARG A 42 20.97 4.80 -31.25
CA ARG A 42 21.31 3.63 -32.06
C ARG A 42 21.32 3.94 -33.54
N THR A 43 20.30 4.66 -34.04
CA THR A 43 20.32 4.99 -35.46
C THR A 43 21.50 5.91 -35.75
N SER A 44 21.76 6.87 -34.86
CA SER A 44 22.82 7.83 -35.09
C SER A 44 24.14 7.11 -35.24
N VAL A 45 24.42 6.18 -34.34
CA VAL A 45 25.63 5.37 -34.48
C VAL A 45 25.53 4.51 -35.72
N GLN A 46 24.34 3.96 -35.97
CA GLN A 46 24.18 3.09 -37.13
C GLN A 46 24.51 3.85 -38.40
N LYS A 47 23.97 5.06 -38.53
CA LYS A 47 24.23 5.86 -39.72
C LYS A 47 25.70 6.21 -39.83
N THR A 48 26.32 6.54 -38.70
CA THR A 48 27.74 6.86 -38.70
C THR A 48 28.55 5.65 -39.16
N GLN A 49 28.14 4.45 -38.73
CA GLN A 49 28.85 3.24 -39.13
C GLN A 49 28.85 3.08 -40.64
N ASN A 50 27.73 3.42 -41.28
CA ASN A 50 27.61 3.25 -42.72
C ASN A 50 28.66 4.05 -43.47
N ALA A 51 28.87 5.32 -43.08
CA ALA A 51 29.83 6.18 -43.76
C ALA A 51 31.12 5.44 -44.09
N ALA A 52 31.60 4.63 -43.14
CA ALA A 52 32.89 3.97 -43.29
C ALA A 52 32.97 3.14 -44.57
N ILE A 53 31.88 2.46 -44.93
CA ILE A 53 31.87 1.65 -46.15
C ILE A 53 32.08 2.51 -47.39
N ASP A 54 31.41 3.66 -47.47
CA ASP A 54 31.62 4.52 -48.63
C ASP A 54 33.07 4.95 -48.70
N LYS A 55 33.63 5.35 -47.55
CA LYS A 55 35.02 5.75 -47.52
C LYS A 55 35.93 4.55 -47.78
N LEU A 56 35.58 3.39 -47.27
CA LEU A 56 36.47 2.24 -47.36
C LEU A 56 36.17 1.30 -48.52
N ILE A 57 34.92 1.09 -48.90
CA ILE A 57 34.61 0.09 -49.92
C ILE A 57 34.38 0.72 -51.30
N LYS A 58 34.74 1.98 -51.46
CA LYS A 58 34.51 2.64 -52.75
C LYS A 58 35.27 1.91 -53.86
N GLY A 59 36.50 1.47 -53.60
CA GLY A 59 37.30 0.82 -54.62
C GLY A 59 36.68 -0.44 -55.22
N LYS A 60 36.12 -1.30 -54.37
CA LYS A 60 35.48 -2.55 -54.80
C LYS A 60 36.34 -3.37 -55.77
N ARG A 66 37.07 -8.57 -54.73
CA ARG A 66 38.30 -8.60 -53.94
C ARG A 66 38.08 -8.02 -52.56
N ASN A 67 37.92 -8.90 -51.57
CA ASN A 67 37.66 -8.47 -50.20
C ASN A 67 38.98 -8.17 -49.52
N ASP A 68 39.24 -6.88 -49.27
CA ASP A 68 40.48 -6.44 -48.63
C ASP A 68 40.53 -6.99 -47.21
N ALA A 69 41.72 -7.37 -46.76
CA ALA A 69 41.81 -7.92 -45.40
C ALA A 69 41.41 -6.91 -44.32
N ASN A 70 41.81 -5.64 -44.48
CA ASN A 70 41.57 -4.62 -43.45
C ASN A 70 40.08 -4.43 -43.18
N ILE A 71 39.26 -4.40 -44.23
CA ILE A 71 37.84 -4.15 -44.06
C ILE A 71 37.21 -5.20 -43.16
N LYS A 72 37.53 -6.48 -43.39
CA LYS A 72 36.91 -7.54 -42.60
C LYS A 72 37.20 -7.36 -41.12
N ASN A 73 38.43 -7.01 -40.78
CA ASN A 73 38.74 -6.68 -39.40
C ASN A 73 37.95 -5.47 -38.95
N SER A 74 37.82 -4.47 -39.82
CA SER A 74 37.10 -3.26 -39.44
C SER A 74 35.64 -3.57 -39.10
N ILE A 75 35.00 -4.43 -39.90
CA ILE A 75 33.60 -4.76 -39.62
C ILE A 75 33.53 -5.49 -38.29
N ASN A 76 34.53 -6.32 -38.00
CA ASN A 76 34.57 -7.00 -36.71
C ASN A 76 34.65 -5.95 -35.61
N ASP A 77 35.51 -4.95 -35.82
CA ASP A 77 35.69 -3.87 -34.86
C ASP A 77 34.39 -3.10 -34.64
N GLN A 78 33.59 -2.92 -35.71
CA GLN A 78 32.31 -2.21 -35.58
C GLN A 78 31.32 -2.97 -34.72
N THR A 79 31.20 -4.28 -34.93
CA THR A 79 30.21 -5.08 -34.20
C THR A 79 30.38 -4.95 -32.69
N LYS A 80 31.61 -4.98 -32.19
CA LYS A 80 31.78 -4.83 -30.76
C LYS A 80 31.51 -3.42 -30.27
N GLN A 81 31.33 -2.46 -31.19
CA GLN A 81 30.91 -1.09 -30.87
C GLN A 81 29.40 -0.98 -30.78
N TRP A 82 28.70 -1.90 -31.42
CA TRP A 82 27.25 -1.99 -31.30
C TRP A 82 26.90 -2.71 -30.00
N THR A 83 27.36 -3.95 -29.87
CA THR A 83 27.10 -4.72 -28.66
C THR A 83 27.60 -4.02 -27.42
N ASP A 84 28.57 -3.12 -27.53
CA ASP A 84 29.00 -2.38 -26.36
C ASP A 84 28.02 -1.27 -26.06
N MET A 85 27.40 -0.71 -27.08
CA MET A 85 26.34 0.25 -26.82
C MET A 85 25.03 -0.44 -26.49
N ILE A 86 24.75 -1.61 -27.10
CA ILE A 86 23.59 -2.39 -26.68
C ILE A 86 23.67 -2.69 -25.19
N ALA A 87 24.78 -3.30 -24.77
CA ALA A 87 24.94 -3.64 -23.37
C ALA A 87 24.98 -2.40 -22.51
N ARG A 88 25.47 -1.29 -23.04
CA ARG A 88 25.40 -0.04 -22.29
C ARG A 88 23.96 0.36 -22.04
N HIS A 89 23.16 0.42 -23.11
CA HIS A 89 21.77 0.84 -22.98
C HIS A 89 21.01 -0.01 -21.98
N ARG A 90 21.41 -1.28 -21.86
CA ARG A 90 20.82 -2.14 -20.84
C ARG A 90 21.05 -1.57 -19.45
N LYS A 91 22.31 -1.47 -19.02
CA LYS A 91 22.60 -0.99 -17.68
C LYS A 91 22.11 0.44 -17.44
N GLU A 92 21.96 1.24 -18.49
CA GLU A 92 21.49 2.61 -18.29
C GLU A 92 20.03 2.65 -17.86
N GLU A 93 19.21 1.74 -18.40
CA GLU A 93 17.83 1.67 -18.00
C GLU A 93 17.71 1.13 -16.57
N TRP A 94 18.37 0.01 -16.30
CA TRP A 94 18.27 -0.60 -14.98
C TRP A 94 18.75 0.38 -13.92
N ASP A 95 19.84 1.09 -14.21
CA ASP A 95 20.35 2.05 -13.24
C ASP A 95 19.27 3.08 -12.90
N MET A 96 18.51 3.52 -13.90
CA MET A 96 17.39 4.42 -13.64
C MET A 96 16.26 3.73 -12.89
N LEU A 97 16.01 2.45 -13.18
CA LEU A 97 14.92 1.76 -12.49
C LEU A 97 15.20 1.66 -10.99
N ARG A 98 16.44 1.28 -10.63
CA ARG A 98 16.80 1.22 -9.23
C ARG A 98 16.75 2.60 -8.59
N GLN A 99 17.29 3.60 -9.28
CA GLN A 99 17.22 4.95 -8.73
C GLN A 99 15.77 5.42 -8.65
N HIS A 100 14.91 4.96 -9.56
CA HIS A 100 13.49 5.31 -9.49
C HIS A 100 12.90 4.92 -8.14
N VAL A 101 13.17 3.69 -7.73
CA VAL A 101 12.57 3.15 -6.52
C VAL A 101 12.97 3.98 -5.31
N GLN A 102 14.24 4.39 -5.24
CA GLN A 102 14.73 5.10 -4.07
C GLN A 102 13.97 6.40 -3.85
N ASP A 103 13.75 7.17 -4.91
CA ASP A 103 13.02 8.42 -4.76
C ASP A 103 11.57 8.18 -4.38
N SER A 104 10.93 7.22 -5.04
CA SER A 104 9.54 6.91 -4.73
C SER A 104 9.40 6.30 -3.35
N GLN A 105 10.36 5.48 -2.93
CA GLN A 105 10.25 4.80 -1.65
C GLN A 105 10.12 5.80 -0.51
N ASP A 106 10.86 6.91 -0.59
CA ASP A 106 10.74 7.91 0.46
C ASP A 106 9.31 8.42 0.54
N ALA A 107 8.69 8.65 -0.62
CA ALA A 107 7.31 9.12 -0.67
C ALA A 107 6.35 8.10 -0.10
N MET A 108 6.51 6.83 -0.47
CA MET A 108 5.55 5.81 -0.05
C MET A 108 5.56 5.66 1.46
N LYS A 109 6.75 5.57 2.05
CA LYS A 109 6.84 5.48 3.49
C LYS A 109 5.91 6.51 4.13
N ALA A 110 5.99 7.75 3.65
CA ALA A 110 5.12 8.79 4.17
C ALA A 110 3.65 8.52 3.86
N LEU A 111 3.36 7.72 2.82
CA LEU A 111 1.99 7.40 2.48
C LEU A 111 1.47 6.18 3.21
N MET A 112 2.32 5.17 3.41
CA MET A 112 1.94 4.05 4.26
C MET A 112 1.37 4.53 5.58
N LEU A 113 2.08 5.46 6.23
CA LEU A 113 1.66 5.95 7.54
C LEU A 113 0.25 6.51 7.51
N THR A 114 -0.07 7.29 6.49
CA THR A 114 -1.41 7.85 6.39
C THR A 114 -2.45 6.85 5.91
N VAL A 115 -2.04 5.69 5.39
CA VAL A 115 -3.00 4.65 5.08
C VAL A 115 -3.40 3.90 6.34
N GLN A 116 -2.40 3.53 7.15
CA GLN A 116 -2.70 2.85 8.41
C GLN A 116 -3.45 3.78 9.35
N ALA A 117 -2.96 5.01 9.49
CA ALA A 117 -3.64 5.94 10.39
C ALA A 117 -5.09 6.09 9.99
N ALA A 118 -5.37 5.95 8.69
CA ALA A 118 -6.75 5.94 8.21
C ALA A 118 -7.49 4.75 8.77
N GLN A 119 -6.81 3.59 8.83
CA GLN A 119 -7.43 2.39 9.35
C GLN A 119 -7.83 2.58 10.81
N ILE A 120 -6.96 3.18 11.62
CA ILE A 120 -7.31 3.37 13.02
C ILE A 120 -8.50 4.33 13.15
N LYS A 121 -8.48 5.44 12.41
CA LYS A 121 -9.58 6.40 12.51
C LYS A 121 -10.89 5.78 12.04
N GLN A 122 -10.83 4.89 11.06
CA GLN A 122 -12.02 4.15 10.66
C GLN A 122 -12.47 3.23 11.78
N LEU A 123 -11.54 2.55 12.44
CA LEU A 123 -11.91 1.63 13.51
C LEU A 123 -12.48 2.39 14.71
N GLU A 124 -11.80 3.46 15.14
CA GLU A 124 -12.20 4.15 16.35
C GLU A 124 -13.64 4.63 16.24
N ASP A 125 -13.97 5.32 15.15
CA ASP A 125 -15.34 5.75 14.90
C ASP A 125 -16.29 4.57 14.76
N ARG A 126 -15.77 3.39 14.40
CA ARG A 126 -16.64 2.22 14.43
C ARG A 126 -16.83 1.72 15.85
N HIS A 127 -15.76 1.73 16.65
CA HIS A 127 -15.85 1.29 18.05
C HIS A 127 -16.86 2.14 18.82
N ALA A 128 -16.65 3.46 18.80
CA ALA A 128 -17.50 4.36 19.55
C ALA A 128 -18.95 4.22 19.13
N ARG A 129 -19.19 4.02 17.83
CA ARG A 129 -20.57 3.76 17.43
C ARG A 129 -21.09 2.44 17.99
N ASP A 130 -20.28 1.37 18.04
CA ASP A 130 -20.77 0.15 18.69
C ASP A 130 -21.12 0.44 20.14
N ILE A 131 -20.35 1.31 20.79
CA ILE A 131 -20.66 1.72 22.14
C ILE A 131 -22.03 2.37 22.16
N LYS A 132 -22.22 3.36 21.28
CA LYS A 132 -23.46 4.11 21.25
C LYS A 132 -24.64 3.17 21.08
N ASP A 133 -24.50 2.16 20.21
CA ASP A 133 -25.58 1.21 19.99
C ASP A 133 -25.92 0.44 21.25
N LEU A 134 -24.90 0.04 22.03
CA LEU A 134 -25.18 -0.74 23.22
C LEU A 134 -26.03 0.05 24.22
N ASN A 135 -25.72 1.33 24.42
CA ASN A 135 -26.49 2.13 25.37
C ASN A 135 -27.93 2.21 24.96
N ALA A 136 -28.19 2.26 23.65
CA ALA A 136 -29.57 2.19 23.20
C ALA A 136 -30.16 0.86 23.61
N LYS A 137 -29.39 -0.21 23.47
CA LYS A 137 -29.87 -1.51 23.91
C LYS A 137 -30.10 -1.49 25.40
N GLN A 138 -29.15 -0.94 26.14
CA GLN A 138 -29.27 -0.87 27.59
C GLN A 138 -30.43 0.04 27.99
N ALA A 139 -30.47 1.26 27.45
CA ALA A 139 -31.50 2.22 27.85
C ALA A 139 -32.89 1.71 27.49
N LYS A 140 -33.02 1.13 26.30
CA LYS A 140 -34.31 0.54 25.94
C LYS A 140 -34.60 -0.65 26.85
N MET A 141 -33.56 -1.45 27.15
CA MET A 141 -33.74 -2.65 27.96
C MET A 141 -34.31 -2.31 29.32
N SER A 142 -33.72 -1.31 29.98
CA SER A 142 -34.17 -0.97 31.33
C SER A 142 -35.61 -0.47 31.31
N ALA A 143 -35.90 0.46 30.40
CA ALA A 143 -37.25 1.04 30.35
C ALA A 143 -38.32 0.01 30.00
N ASP A 144 -38.07 -0.84 29.00
CA ASP A 144 -39.11 -1.79 28.62
C ASP A 144 -39.43 -2.76 29.75
N THR A 145 -38.43 -3.12 30.58
CA THR A 145 -38.73 -3.99 31.70
C THR A 145 -39.73 -3.33 32.64
N ALA A 146 -39.56 -2.03 32.88
CA ALA A 146 -40.49 -1.35 33.78
C ALA A 146 -41.91 -1.47 33.24
N LYS A 147 -42.10 -1.15 31.96
CA LYS A 147 -43.38 -1.37 31.26
C LYS A 147 -43.97 -2.73 31.63
N GLU A 148 -43.11 -3.76 31.75
CA GLU A 148 -43.58 -5.09 32.14
C GLU A 148 -44.23 -5.08 33.52
N VAL A 149 -43.71 -4.26 34.45
CA VAL A 149 -44.29 -4.18 35.79
C VAL A 149 -45.75 -3.75 35.71
N GLN A 150 -46.05 -2.68 34.96
CA GLN A 150 -47.44 -2.28 34.78
C GLN A 150 -48.21 -3.39 34.09
N ASN A 151 -47.62 -3.99 33.06
CA ASN A 151 -48.29 -5.04 32.28
C ASN A 151 -48.58 -6.28 33.13
N ASP A 152 -47.69 -6.64 34.07
CA ASP A 152 -47.86 -7.85 34.85
C ASP A 152 -49.04 -7.73 35.81
N LYS A 153 -50.01 -8.63 35.68
CA LYS A 153 -51.19 -8.63 36.54
C LYS A 153 -50.86 -8.96 37.99
N THR A 154 -49.84 -9.79 38.23
CA THR A 154 -49.55 -10.27 39.57
C THR A 154 -49.26 -9.15 40.57
N LEU A 155 -49.04 -7.92 40.09
CA LEU A 155 -48.82 -6.81 41.00
C LEU A 155 -50.05 -6.63 41.88
N LYS A 156 -49.82 -6.25 43.13
CA LYS A 156 -50.90 -6.11 44.09
C LYS A 156 -51.07 -4.66 44.54
N THR A 157 -50.04 -4.02 45.05
CA THR A 157 -50.15 -2.67 45.57
C THR A 157 -49.02 -1.83 45.02
N LYS A 158 -49.21 -0.50 45.04
CA LYS A 158 -48.18 0.39 44.50
C LYS A 158 -46.87 0.18 45.25
N ASN A 159 -46.95 0.03 46.57
CA ASN A 159 -45.76 -0.28 47.36
C ASN A 159 -45.23 -1.65 46.95
N GLU A 160 -46.13 -2.58 46.64
CA GLU A 160 -45.72 -3.88 46.13
C GLU A 160 -45.09 -3.76 44.76
N LYS A 161 -45.68 -2.94 43.88
CA LYS A 161 -45.15 -2.80 42.53
C LYS A 161 -43.74 -2.25 42.54
N ASP A 162 -43.48 -1.25 43.39
CA ASP A 162 -42.16 -0.66 43.46
C ASP A 162 -41.10 -1.67 43.90
N ARG A 163 -41.40 -2.47 44.92
CA ARG A 163 -40.39 -3.36 45.47
C ARG A 163 -39.80 -4.28 44.39
N ARG A 164 -40.66 -4.93 43.60
CA ARG A 164 -40.19 -5.87 42.58
C ARG A 164 -39.36 -5.14 41.53
N LEU A 165 -39.76 -3.94 41.17
CA LEU A 165 -39.01 -3.18 40.19
C LEU A 165 -37.59 -2.95 40.65
N ARG A 166 -37.40 -2.61 41.93
CA ARG A 166 -36.07 -2.38 42.47
C ARG A 166 -35.21 -3.64 42.36
N GLU A 167 -35.80 -4.80 42.64
CA GLU A 167 -35.09 -6.07 42.56
C GLU A 167 -34.64 -6.38 41.13
N ARG A 169 -34.23 -4.13 39.00
CA ARG A 169 -33.30 -3.03 38.78
C ARG A 169 -31.88 -3.37 39.22
N GLN A 170 -31.74 -4.34 40.11
CA GLN A 170 -30.42 -4.81 40.50
C GLN A 170 -29.94 -5.91 39.57
N ASN A 171 -30.83 -6.82 39.20
CA ASN A 171 -30.47 -7.86 38.25
C ASN A 171 -30.08 -7.25 36.92
N ASN A 172 -30.76 -6.17 36.53
CA ASN A 172 -30.42 -5.51 35.28
C ASN A 172 -29.02 -4.93 35.33
N VAL A 173 -28.67 -4.26 36.45
CA VAL A 173 -27.39 -3.56 36.52
C VAL A 173 -26.23 -4.56 36.63
N LYS A 174 -26.45 -5.74 37.19
CA LYS A 174 -25.38 -6.74 37.18
C LYS A 174 -24.94 -7.04 35.76
N ARG A 175 -25.88 -7.03 34.81
CA ARG A 175 -25.56 -7.32 33.41
C ARG A 175 -24.76 -6.19 32.77
N PHE A 176 -25.22 -4.94 32.93
CA PHE A 176 -24.60 -3.83 32.23
C PHE A 176 -23.17 -3.60 32.67
N MET A 177 -22.86 -3.83 33.95
CA MET A 177 -21.47 -3.69 34.38
C MET A 177 -20.58 -4.67 33.62
N GLU A 178 -21.02 -5.93 33.53
CA GLU A 178 -20.25 -6.91 32.78
C GLU A 178 -20.25 -6.56 31.30
N GLU A 179 -21.41 -6.21 30.76
CA GLU A 179 -21.49 -5.90 29.33
C GLU A 179 -20.59 -4.72 28.98
N LYS A 180 -20.58 -3.67 29.81
CA LYS A 180 -19.69 -2.54 29.58
C LYS A 180 -18.23 -2.96 29.73
N LYS A 181 -17.91 -3.74 30.78
CA LYS A 181 -16.52 -4.18 30.99
C LYS A 181 -16.08 -5.11 29.89
N GLN A 182 -16.93 -6.09 29.52
CA GLN A 182 -16.55 -7.06 28.51
C GLN A 182 -16.27 -6.36 27.19
N ILE A 183 -17.09 -5.37 26.84
CA ILE A 183 -16.87 -4.62 25.60
C ILE A 183 -15.53 -3.89 25.62
N GLY A 184 -15.20 -3.27 26.76
CA GLY A 184 -13.97 -2.51 26.83
C GLY A 184 -12.74 -3.35 26.53
N VAL A 185 -12.74 -4.60 26.98
CA VAL A 185 -11.64 -5.49 26.70
C VAL A 185 -11.53 -5.82 25.22
N GLN A 187 -12.29 -4.12 22.65
CA GLN A 187 -11.83 -2.97 21.88
C GLN A 187 -10.34 -2.80 22.07
N GLY A 188 -9.90 -2.76 23.33
CA GLY A 188 -8.46 -2.74 23.60
C GLY A 188 -7.74 -3.88 22.91
N ARG A 189 -8.31 -5.09 22.94
CA ARG A 189 -7.66 -6.19 22.22
C ARG A 189 -7.72 -5.96 20.72
N ALA A 190 -8.87 -5.52 20.21
CA ALA A 190 -8.99 -5.34 18.76
C ALA A 190 -8.01 -4.29 18.24
N MET A 191 -7.86 -3.18 18.95
CA MET A 191 -6.89 -2.17 18.53
C MET A 191 -5.47 -2.71 18.61
N GLU A 192 -5.14 -3.40 19.70
CA GLU A 192 -3.78 -3.89 19.89
C GLU A 192 -3.38 -4.82 18.75
N LYS A 193 -4.20 -5.83 18.47
CA LYS A 193 -3.86 -6.78 17.41
C LYS A 193 -3.71 -6.08 16.06
N LEU A 194 -4.51 -5.05 15.82
CA LEU A 194 -4.30 -4.12 14.70
C LEU A 194 -3.00 -3.34 14.76
N LEU A 196 -0.33 -3.38 16.05
CA LEU A 196 0.94 -4.09 15.92
C LEU A 196 1.15 -4.53 14.48
N ALA A 197 0.08 -5.00 13.84
CA ALA A 197 0.18 -5.37 12.44
C ALA A 197 0.79 -4.22 11.64
N HIS A 198 0.36 -3.00 11.95
CA HIS A 198 1.00 -1.83 11.37
C HIS A 198 2.51 -1.83 11.56
N SER A 199 2.95 -2.01 12.81
CA SER A 199 4.39 -2.01 13.06
C SER A 199 5.05 -3.30 12.60
N LYS A 200 4.29 -4.28 12.12
CA LYS A 200 4.90 -5.41 11.42
C LYS A 200 4.98 -5.14 9.92
N GLN A 201 3.91 -4.63 9.32
CA GLN A 201 3.96 -4.22 7.92
C GLN A 201 4.99 -3.15 7.67
N ILE A 202 5.35 -2.37 8.68
CA ILE A 202 6.31 -1.29 8.49
C ILE A 202 7.74 -1.78 8.64
N GLU A 203 8.00 -2.67 9.60
CA GLU A 203 9.31 -3.29 9.70
C GLU A 203 9.57 -4.15 8.49
N GLU A 204 8.51 -4.64 7.86
CA GLU A 204 8.66 -5.44 6.66
C GLU A 204 8.87 -4.55 5.43
N PHE A 205 8.22 -3.40 5.39
CA PHE A 205 8.31 -2.56 4.20
C PHE A 205 9.74 -2.07 3.97
N SER A 206 10.39 -1.60 5.03
CA SER A 206 11.78 -1.17 4.93
C SER A 206 12.63 -2.18 4.19
N THR A 207 12.36 -3.46 4.38
CA THR A 207 13.17 -4.52 3.82
C THR A 207 12.58 -5.14 2.57
N ASP A 208 11.39 -4.72 2.16
CA ASP A 208 10.88 -5.09 0.85
C ASP A 208 11.38 -4.12 -0.21
N VAL A 209 11.43 -2.84 0.14
CA VAL A 209 12.04 -1.85 -0.74
C VAL A 209 13.47 -2.26 -1.05
N GLN A 210 14.20 -2.66 -0.02
CA GLN A 210 15.58 -3.07 -0.22
C GLN A 210 15.65 -4.26 -1.17
N LYS A 211 14.79 -5.26 -0.97
CA LYS A 211 14.78 -6.42 -1.84
C LYS A 211 14.58 -6.05 -3.30
N LEU A 212 13.83 -4.99 -3.56
CA LEU A 212 13.58 -4.57 -4.94
C LEU A 212 14.82 -3.95 -5.57
N MET A 213 15.47 -3.03 -4.85
CA MET A 213 16.63 -2.31 -5.39
C MET A 213 17.74 -3.26 -5.77
N ASP A 214 17.94 -4.31 -4.97
CA ASP A 214 18.93 -5.30 -5.30
C ASP A 214 18.61 -6.03 -6.59
N MET A 215 17.33 -6.22 -6.90
CA MET A 215 17.01 -6.92 -8.13
C MET A 215 17.51 -6.13 -9.35
N TYR A 216 17.48 -4.80 -9.27
CA TYR A 216 17.99 -3.96 -10.33
C TYR A 216 19.48 -3.68 -10.22
N LYS A 217 20.15 -4.16 -9.16
CA LYS A 217 21.59 -3.97 -9.02
C LYS A 217 22.34 -4.83 -10.02
N ILE A 218 23.44 -4.29 -10.55
CA ILE A 218 24.24 -5.01 -11.54
C ILE A 218 25.70 -4.59 -11.49
#